data_6MJC
#
_entry.id   6MJC
#
_cell.length_a   105.057
_cell.length_b   105.057
_cell.length_c   125.121
_cell.angle_alpha   90.00
_cell.angle_beta   90.00
_cell.angle_gamma   120.00
#
_symmetry.space_group_name_H-M   'H 3 2'
#
loop_
_entity.id
_entity.type
_entity.pdbx_description
1 polymer 'Monopolin complex subunit CSM1'
2 polymer 'Kinetochore-associated protein DSN1'
3 water water
#
loop_
_entity_poly.entity_id
_entity_poly.type
_entity_poly.pdbx_seq_one_letter_code
_entity_poly.pdbx_strand_id
1 'polypeptide(L)'
;SNAETIEIIKDLFEHLCGVRVHRTYEDDTGLWFDTSQGSKNGIMDYKLGFVKSQAENTTEVDTEVIYVPLLKQRTAEELQ
ELQKKLPDYLFETLSFPLRSLNQFYIKMSKSLNKKV
;
A
2 'polypeptide(L)' SNAPTLGERLDSLHEIKSARRMDHFNDD B
#
# COMPACT_ATOMS: atom_id res chain seq x y z
N ALA A 3 -10.60 6.17 16.85
CA ALA A 3 -10.57 5.05 17.79
C ALA A 3 -9.15 4.46 17.90
N GLU A 4 -8.89 3.38 17.18
CA GLU A 4 -7.54 2.81 17.14
C GLU A 4 -6.58 3.80 16.46
N THR A 5 -5.34 3.81 16.95
CA THR A 5 -4.29 4.53 16.23
C THR A 5 -4.35 4.23 14.73
N ILE A 6 -4.55 2.96 14.38
CA ILE A 6 -4.57 2.57 12.99
C ILE A 6 -5.64 3.36 12.24
N GLU A 7 -6.83 3.46 12.83
CA GLU A 7 -7.91 4.22 12.19
C GLU A 7 -7.47 5.66 11.95
N ILE A 8 -6.86 6.27 12.97
CA ILE A 8 -6.37 7.63 12.84
C ILE A 8 -5.38 7.74 11.67
N ILE A 9 -4.43 6.82 11.58
CA ILE A 9 -3.44 6.88 10.52
C ILE A 9 -4.10 6.75 9.15
N LYS A 10 -5.00 5.77 9.01
CA LYS A 10 -5.73 5.61 7.76
C LYS A 10 -6.45 6.89 7.35
N ASP A 11 -7.20 7.47 8.28
CA ASP A 11 -8.00 8.66 7.98
C ASP A 11 -7.13 9.79 7.45
N LEU A 12 -5.95 9.96 8.02
CA LEU A 12 -5.04 10.97 7.50
C LEU A 12 -4.45 10.52 6.17
N PHE A 13 -4.14 9.22 6.02
CA PHE A 13 -3.52 8.77 4.78
C PHE A 13 -4.41 9.05 3.57
N GLU A 14 -5.73 8.92 3.74
CA GLU A 14 -6.68 9.09 2.65
C GLU A 14 -6.74 10.52 2.16
N HIS A 15 -6.28 11.49 2.95
CA HIS A 15 -6.35 12.88 2.54
C HIS A 15 -4.99 13.41 2.08
N LEU A 16 -4.00 12.54 1.91
CA LEU A 16 -2.69 12.97 1.43
C LEU A 16 -2.79 13.44 -0.01
N CYS A 17 -1.88 14.37 -0.38
CA CYS A 17 -1.89 14.90 -1.75
C CYS A 17 -1.69 13.77 -2.73
N GLY A 18 -2.55 13.68 -3.74
CA GLY A 18 -2.32 12.72 -4.78
C GLY A 18 -2.81 11.32 -4.51
N VAL A 19 -3.52 11.12 -3.39
CA VAL A 19 -3.94 9.80 -2.93
C VAL A 19 -5.45 9.70 -3.05
N ARG A 20 -5.93 8.62 -3.65
CA ARG A 20 -7.36 8.43 -3.80
C ARG A 20 -7.70 7.05 -3.27
N VAL A 21 -8.47 6.99 -2.18
CA VAL A 21 -8.80 5.69 -1.57
C VAL A 21 -10.16 5.23 -2.04
N HIS A 22 -10.27 3.98 -2.47
CA HIS A 22 -11.45 3.54 -3.21
C HIS A 22 -12.34 2.63 -2.37
N ARG A 23 -11.81 1.50 -1.97
CA ARG A 23 -12.50 0.49 -1.20
C ARG A 23 -11.74 0.37 0.11
N THR A 24 -12.47 0.21 1.21
CA THR A 24 -11.90 0.00 2.52
C THR A 24 -12.62 -1.16 3.20
N TYR A 25 -11.87 -2.02 3.90
CA TYR A 25 -12.48 -3.03 4.75
C TYR A 25 -11.65 -3.26 5.99
N GLU A 26 -12.30 -3.77 7.03
CA GLU A 26 -11.61 -4.25 8.23
C GLU A 26 -11.97 -5.71 8.46
N ASP A 27 -10.95 -6.57 8.65
CA ASP A 27 -11.19 -7.97 8.95
C ASP A 27 -10.39 -8.29 10.21
N ASP A 28 -10.17 -9.58 10.46
CA ASP A 28 -9.47 -9.98 11.68
C ASP A 28 -8.02 -9.51 11.69
N THR A 29 -7.38 -9.50 10.53
CA THR A 29 -5.97 -9.15 10.46
C THR A 29 -5.73 -7.65 10.66
N GLY A 30 -6.67 -6.80 10.24
CA GLY A 30 -6.47 -5.36 10.40
C GLY A 30 -7.32 -4.57 9.42
N LEU A 31 -6.86 -3.37 9.12
CA LEU A 31 -7.59 -2.40 8.33
C LEU A 31 -6.89 -2.24 7.00
N TRP A 32 -7.65 -2.42 5.90
CA TRP A 32 -7.10 -2.51 4.57
C TRP A 32 -7.80 -1.53 3.66
N PHE A 33 -7.05 -0.98 2.69
CA PHE A 33 -7.73 -0.16 1.71
C PHE A 33 -7.00 -0.10 0.38
N ASP A 34 -7.78 0.07 -0.68
CA ASP A 34 -7.24 0.14 -2.04
C ASP A 34 -6.96 1.60 -2.32
N THR A 35 -5.86 1.89 -3.00
CA THR A 35 -5.39 3.25 -3.20
C THR A 35 -4.94 3.38 -4.64
N SER A 36 -5.18 4.56 -5.19
CA SER A 36 -4.61 5.04 -6.43
C SER A 36 -3.77 6.26 -6.08
N GLN A 37 -2.53 6.28 -6.53
CA GLN A 37 -1.65 7.41 -6.28
C GLN A 37 -1.03 7.87 -7.58
N GLY A 38 -0.86 9.18 -7.71
CA GLY A 38 -0.14 9.75 -8.84
C GLY A 38 -1.03 10.62 -9.71
N SER A 39 -0.36 11.41 -10.55
CA SER A 39 -0.99 12.43 -11.33
C SER A 39 -1.02 12.01 -12.81
N LYS A 40 -0.97 13.00 -13.70
CA LYS A 40 -0.92 12.69 -15.12
C LYS A 40 0.29 11.84 -15.46
N ASN A 41 1.45 12.15 -14.85
CA ASN A 41 2.69 11.50 -15.25
C ASN A 41 2.58 9.98 -15.16
N GLY A 42 2.13 9.47 -14.02
CA GLY A 42 1.95 8.04 -13.86
C GLY A 42 1.03 7.75 -12.70
N ILE A 43 0.28 6.67 -12.81
CA ILE A 43 -0.61 6.23 -11.75
C ILE A 43 -0.25 4.83 -11.34
N MET A 44 -0.20 4.60 -10.04
CA MET A 44 0.01 3.30 -9.44
C MET A 44 -1.15 2.98 -8.51
N ASP A 45 -1.73 1.80 -8.69
CA ASP A 45 -2.73 1.28 -7.78
C ASP A 45 -2.07 0.29 -6.83
N TYR A 46 -2.45 0.38 -5.57
CA TYR A 46 -1.94 -0.54 -4.56
C TYR A 46 -2.93 -0.63 -3.42
N LYS A 47 -2.75 -1.67 -2.62
CA LYS A 47 -3.53 -1.88 -1.40
C LYS A 47 -2.57 -1.76 -0.23
N LEU A 48 -2.97 -1.04 0.82
CA LEU A 48 -2.24 -0.98 2.08
C LEU A 48 -3.03 -1.75 3.14
N GLY A 49 -2.31 -2.51 3.94
CA GLY A 49 -2.87 -3.12 5.12
C GLY A 49 -2.19 -2.65 6.39
N PHE A 50 -2.97 -2.23 7.35
CA PHE A 50 -2.49 -1.87 8.67
C PHE A 50 -2.91 -3.01 9.61
N VAL A 51 -1.94 -3.80 10.02
CA VAL A 51 -2.18 -5.11 10.62
C VAL A 51 -1.71 -5.07 12.06
N LYS A 52 -2.58 -5.51 12.96
CA LYS A 52 -2.24 -5.81 14.33
C LYS A 52 -2.51 -7.29 14.57
N SER A 53 -1.57 -7.97 15.22
CA SER A 53 -1.74 -9.38 15.52
C SER A 53 -1.42 -9.66 16.97
N GLU A 60 0.94 -7.68 24.39
CA GLU A 60 1.95 -7.94 23.37
C GLU A 60 1.33 -8.05 21.98
N VAL A 61 1.26 -6.91 21.29
CA VAL A 61 0.63 -6.80 19.98
C VAL A 61 1.63 -6.20 19.00
N ASP A 62 1.56 -6.62 17.75
CA ASP A 62 2.46 -6.14 16.71
C ASP A 62 1.70 -5.35 15.65
N THR A 63 2.31 -4.26 15.19
CA THR A 63 1.76 -3.43 14.11
C THR A 63 2.72 -3.31 12.94
N GLU A 64 2.21 -3.49 11.73
CA GLU A 64 3.00 -3.37 10.52
C GLU A 64 2.14 -2.89 9.37
N VAL A 65 2.79 -2.38 8.33
CA VAL A 65 2.10 -2.03 7.09
C VAL A 65 2.41 -3.08 6.03
N ILE A 66 1.36 -3.53 5.34
CA ILE A 66 1.49 -4.42 4.19
C ILE A 66 1.18 -3.61 2.93
N TYR A 67 2.05 -3.70 1.93
CA TYR A 67 1.88 -3.01 0.65
C TYR A 67 1.72 -4.06 -0.43
N VAL A 68 0.65 -3.95 -1.22
CA VAL A 68 0.36 -4.92 -2.26
C VAL A 68 0.22 -4.19 -3.60
N PRO A 69 1.15 -4.33 -4.54
CA PRO A 69 0.96 -3.65 -5.82
C PRO A 69 -0.15 -4.30 -6.64
N LEU A 70 -1.00 -3.49 -7.26
CA LEU A 70 -2.11 -3.98 -8.07
C LEU A 70 -1.78 -3.75 -9.53
N LEU A 71 -1.08 -4.72 -10.11
CA LEU A 71 -0.59 -4.59 -11.46
C LEU A 71 -1.63 -5.03 -12.49
N LYS A 72 -2.56 -5.90 -12.12
CA LYS A 72 -3.57 -6.36 -13.07
C LYS A 72 -4.39 -5.22 -13.64
N GLN A 73 -4.49 -4.13 -12.89
CA GLN A 73 -5.29 -2.97 -13.27
C GLN A 73 -4.61 -2.11 -14.32
N ARG A 74 -3.35 -2.36 -14.61
CA ARG A 74 -2.60 -1.59 -15.59
C ARG A 74 -2.68 -2.23 -16.96
N THR A 75 -2.58 -1.41 -17.99
CA THR A 75 -2.26 -1.90 -19.33
C THR A 75 -0.79 -2.30 -19.39
N ALA A 76 -0.43 -3.10 -20.38
CA ALA A 76 0.96 -3.45 -20.60
C ALA A 76 1.84 -2.20 -20.79
N GLU A 77 1.38 -1.23 -21.57
CA GLU A 77 2.19 -0.03 -21.78
C GLU A 77 2.37 0.75 -20.48
N GLU A 78 1.31 0.85 -19.67
CA GLU A 78 1.45 1.56 -18.41
C GLU A 78 2.44 0.84 -17.49
N LEU A 79 2.37 -0.48 -17.45
CA LEU A 79 3.30 -1.22 -16.61
C LEU A 79 4.75 -1.00 -17.07
N GLN A 80 4.97 -1.01 -18.39
CA GLN A 80 6.32 -0.75 -18.90
C GLN A 80 6.83 0.61 -18.44
N GLU A 81 5.99 1.65 -18.51
CA GLU A 81 6.41 2.98 -18.07
C GLU A 81 6.71 2.97 -16.58
N LEU A 82 5.84 2.34 -15.79
CA LEU A 82 6.08 2.33 -14.36
C LEU A 82 7.37 1.60 -14.02
N GLN A 83 7.69 0.52 -14.73
CA GLN A 83 8.88 -0.26 -14.41
C GLN A 83 10.16 0.50 -14.67
N LYS A 84 10.12 1.50 -15.55
CA LYS A 84 11.29 2.37 -15.74
C LYS A 84 11.45 3.31 -14.57
N LYS A 85 10.34 3.73 -13.98
CA LYS A 85 10.38 4.86 -13.05
C LYS A 85 10.51 4.39 -11.62
N LEU A 86 9.88 3.19 -11.28
CA LEU A 86 9.89 2.82 -9.88
C LEU A 86 10.93 1.74 -9.59
N PRO A 87 11.38 1.67 -8.35
CA PRO A 87 12.31 0.60 -7.97
C PRO A 87 11.65 -0.77 -8.00
N ASP A 88 12.47 -1.79 -8.26
CA ASP A 88 11.96 -3.16 -8.38
C ASP A 88 11.09 -3.56 -7.20
N TYR A 89 11.43 -3.11 -5.99
CA TYR A 89 10.68 -3.60 -4.84
C TYR A 89 9.24 -3.12 -4.79
N LEU A 90 8.92 -2.06 -5.52
CA LEU A 90 7.54 -1.62 -5.54
C LEU A 90 6.66 -2.44 -6.48
N PHE A 91 7.18 -3.48 -7.10
CA PHE A 91 6.40 -4.45 -7.86
C PHE A 91 6.28 -5.77 -7.11
N GLU A 92 6.59 -5.77 -5.81
CA GLU A 92 6.33 -6.94 -4.99
C GLU A 92 5.59 -6.59 -3.71
N THR A 93 5.04 -7.61 -3.07
CA THR A 93 4.35 -7.38 -1.79
C THR A 93 5.37 -7.16 -0.70
N LEU A 94 5.20 -6.10 0.08
CA LEU A 94 6.14 -5.68 1.09
C LEU A 94 5.48 -5.58 2.46
N SER A 95 6.27 -5.72 3.52
CA SER A 95 5.92 -5.36 4.88
C SER A 95 6.93 -4.30 5.36
N PHE A 96 6.46 -3.33 6.15
CA PHE A 96 7.38 -2.36 6.72
C PHE A 96 6.75 -1.76 7.97
N PRO A 97 7.56 -1.27 8.89
CA PRO A 97 7.02 -0.65 10.11
C PRO A 97 6.32 0.67 9.82
N LEU A 98 5.38 1.02 10.69
CA LEU A 98 4.63 2.24 10.52
C LEU A 98 5.55 3.45 10.43
N ARG A 99 6.67 3.41 11.16
CA ARG A 99 7.57 4.55 11.12
C ARG A 99 8.16 4.82 9.74
N SER A 100 8.09 3.86 8.83
CA SER A 100 8.53 4.04 7.43
C SER A 100 7.42 4.43 6.47
N LEU A 101 6.20 4.66 6.94
CA LEU A 101 5.12 4.96 6.01
C LEU A 101 5.38 6.28 5.28
N ASN A 102 5.90 7.26 5.98
CA ASN A 102 6.24 8.53 5.35
C ASN A 102 7.29 8.33 4.26
N GLN A 103 8.36 7.58 4.57
CA GLN A 103 9.37 7.30 3.54
C GLN A 103 8.74 6.61 2.33
N PHE A 104 7.82 5.68 2.57
CA PHE A 104 7.16 4.96 1.49
C PHE A 104 6.37 5.91 0.61
N TYR A 105 5.58 6.81 1.24
CA TYR A 105 4.74 7.72 0.47
C TYR A 105 5.60 8.67 -0.35
N ILE A 106 6.69 9.17 0.24
CA ILE A 106 7.58 10.08 -0.48
C ILE A 106 8.24 9.37 -1.67
N LYS A 107 8.77 8.16 -1.45
CA LYS A 107 9.38 7.38 -2.52
C LYS A 107 8.40 7.13 -3.65
N MET A 108 7.19 6.73 -3.31
CA MET A 108 6.19 6.48 -4.35
C MET A 108 5.88 7.76 -5.10
N SER A 109 5.70 8.86 -4.39
CA SER A 109 5.29 10.09 -5.02
C SER A 109 6.38 10.60 -5.94
N LYS A 110 7.63 10.52 -5.50
CA LYS A 110 8.72 11.02 -6.32
C LYS A 110 8.95 10.11 -7.52
N SER A 111 8.85 8.80 -7.33
CA SER A 111 9.06 7.86 -8.42
C SER A 111 8.03 8.09 -9.53
N LEU A 112 6.77 8.33 -9.15
CA LEU A 112 5.75 8.53 -10.17
C LEU A 112 5.95 9.84 -10.94
N ASN A 113 6.55 10.86 -10.31
CA ASN A 113 6.74 12.17 -10.95
C ASN A 113 7.94 12.20 -11.90
N LYS A 114 8.92 11.34 -11.66
CA LYS A 114 10.18 11.36 -12.41
C LYS A 114 10.07 11.84 -13.85
N SER B 1 -14.89 -1.07 9.79
CA SER B 1 -15.56 -0.09 8.93
C SER B 1 -16.59 -0.77 8.02
N ASN B 2 -16.10 -1.53 7.05
CA ASN B 2 -16.94 -2.29 6.14
C ASN B 2 -16.67 -3.77 6.34
N ALA B 3 -17.69 -4.60 6.06
CA ALA B 3 -17.61 -6.04 6.24
C ALA B 3 -16.85 -6.67 5.07
N PRO B 4 -15.84 -7.51 5.35
CA PRO B 4 -15.02 -8.06 4.27
C PRO B 4 -15.68 -9.20 3.51
N THR B 5 -15.36 -9.28 2.24
CA THR B 5 -15.78 -10.41 1.42
C THR B 5 -14.86 -11.60 1.67
N LEU B 6 -15.30 -12.78 1.18
CA LEU B 6 -14.41 -13.92 1.12
C LEU B 6 -13.08 -13.60 0.44
N GLY B 7 -13.11 -12.94 -0.73
CA GLY B 7 -11.88 -12.67 -1.44
C GLY B 7 -10.95 -11.76 -0.66
N GLU B 8 -11.52 -10.74 -0.03
CA GLU B 8 -10.75 -9.80 0.79
C GLU B 8 -10.11 -10.52 1.97
N ARG B 9 -10.85 -11.40 2.62
CA ARG B 9 -10.29 -12.12 3.75
C ARG B 9 -9.16 -13.03 3.28
N LEU B 10 -9.35 -13.76 2.19
CA LEU B 10 -8.28 -14.58 1.64
C LEU B 10 -7.08 -13.73 1.29
N ASP B 11 -7.33 -12.60 0.62
CA ASP B 11 -6.25 -11.76 0.13
C ASP B 11 -5.39 -11.25 1.28
N SER B 12 -6.02 -10.84 2.38
CA SER B 12 -5.26 -10.31 3.52
C SER B 12 -4.26 -11.34 4.02
N LEU B 13 -4.73 -12.56 4.23
CA LEU B 13 -3.87 -13.61 4.76
C LEU B 13 -2.77 -13.97 3.79
N HIS B 14 -3.09 -14.13 2.48
CA HIS B 14 -2.07 -14.44 1.48
C HIS B 14 -0.99 -13.36 1.40
N GLU B 15 -1.39 -12.12 1.49
CA GLU B 15 -0.48 -10.97 1.38
C GLU B 15 0.38 -10.86 2.63
N ILE B 16 -0.17 -11.07 3.82
CA ILE B 16 0.66 -11.13 5.01
C ILE B 16 1.69 -12.25 4.89
N LYS B 17 1.25 -13.44 4.45
CA LYS B 17 2.17 -14.55 4.41
C LYS B 17 3.31 -14.32 3.41
N SER B 18 3.04 -13.67 2.29
CA SER B 18 4.01 -13.59 1.22
C SER B 18 4.82 -12.30 1.22
N ALA B 19 4.58 -11.39 2.17
CA ALA B 19 5.20 -10.08 2.17
C ALA B 19 6.69 -10.20 2.48
N ARG B 20 7.49 -9.38 1.81
CA ARG B 20 8.91 -9.26 2.13
C ARG B 20 9.13 -8.03 3.01
N ARG B 21 9.79 -8.23 4.14
CA ARG B 21 10.03 -7.16 5.09
C ARG B 21 11.09 -6.23 4.56
N MET B 22 10.80 -4.93 4.58
CA MET B 22 11.78 -3.89 4.30
C MET B 22 11.73 -2.87 5.42
N ASP B 23 12.90 -2.51 5.93
CA ASP B 23 12.92 -1.61 7.08
C ASP B 23 12.71 -0.16 6.67
N HIS B 24 13.19 0.28 5.50
CA HIS B 24 13.11 1.68 5.11
C HIS B 24 13.40 1.81 3.62
N PHE B 25 13.11 3.00 3.10
CA PHE B 25 13.28 3.34 1.69
C PHE B 25 14.13 4.61 1.62
N ASN B 26 15.37 4.49 1.14
CA ASN B 26 16.26 5.64 1.06
C ASN B 26 17.43 5.29 0.16
N ASP B 27 18.01 6.32 -0.47
CA ASP B 27 19.14 6.16 -1.36
C ASP B 27 20.31 6.97 -0.85
N ASP B 28 21.50 6.39 -0.93
CA ASP B 28 22.71 7.04 -0.43
C ASP B 28 23.59 7.58 -1.55
#